data_1XNH
#
_entry.id   1XNH
#
_cell.length_a   93.830
_cell.length_b   48.320
_cell.length_c   64.200
_cell.angle_alpha   90.00
_cell.angle_beta   109.97
_cell.angle_gamma   90.00
#
_symmetry.space_group_name_H-M   'C 1 2 1'
#
loop_
_entity.id
_entity.type
_entity.pdbx_description
1 polymer 'NH(3)-dependent NAD(+) synthetase'
2 water water
#
_entity_poly.entity_id   1
_entity_poly.type   'polypeptide(L)'
_entity_poly.pdbx_seq_one_letter_code
;MQKDYQKLIVYLCDFLEKEVQKRGFKKVVYGLSGGLDSAVVGVLCQKVFKENAHALLMPSSVSMPENKTDALNLCEKFSI
PYTEYSIAPYDAIFSSHFKDASLTRKGNFCARLRMAFLYDYSLKSDSLVIGTSNKSERMLGYGTLFGDLACAINPIGELF
KTEVYELARRLNIPKKILNKPPSADLFVGQSDEKDLGYPYSVIDPLLKDIEALFQTKPIDTETLAQLGYDEILVKNITSR
IQKNAFKLELPAIAKRFNPELEHHHHHH
;
_entity_poly.pdbx_strand_id   A
#
# COMPACT_ATOMS: atom_id res chain seq x y z
N TYR A 5 -1.34 -12.89 16.55
CA TYR A 5 -0.58 -11.87 15.78
C TYR A 5 0.80 -11.55 16.33
N GLN A 6 1.04 -11.83 17.60
CA GLN A 6 2.34 -11.56 18.18
C GLN A 6 3.42 -12.38 17.46
N LYS A 7 3.04 -13.58 17.03
CA LYS A 7 3.95 -14.47 16.35
C LYS A 7 4.18 -13.96 14.94
N LEU A 8 3.17 -13.30 14.39
CA LEU A 8 3.21 -12.73 13.05
C LEU A 8 4.25 -11.62 13.01
N ILE A 9 4.17 -10.70 13.97
CA ILE A 9 5.10 -9.59 14.01
C ILE A 9 6.52 -10.12 13.95
N VAL A 10 6.86 -10.99 14.88
CA VAL A 10 8.17 -11.62 14.93
C VAL A 10 8.59 -12.13 13.53
N TYR A 11 7.62 -12.60 12.75
CA TYR A 11 7.91 -13.13 11.43
C TYR A 11 8.33 -12.04 10.45
N LEU A 12 7.51 -11.01 10.36
CA LEU A 12 7.72 -9.91 9.46
C LEU A 12 9.05 -9.18 9.73
N CYS A 13 9.41 -9.09 11.00
CA CYS A 13 10.64 -8.43 11.35
C CYS A 13 11.79 -9.20 10.81
N ASP A 14 11.81 -10.48 11.12
CA ASP A 14 12.90 -11.30 10.65
C ASP A 14 12.97 -11.26 9.12
N PHE A 15 11.80 -11.23 8.47
CA PHE A 15 11.74 -11.19 7.00
C PHE A 15 12.42 -9.92 6.56
N LEU A 16 12.15 -8.86 7.29
CA LEU A 16 12.81 -7.58 7.03
C LEU A 16 14.33 -7.63 7.25
N GLU A 17 14.79 -8.09 8.40
CA GLU A 17 16.25 -8.10 8.62
C GLU A 17 16.98 -8.95 7.60
N LYS A 18 16.36 -10.05 7.20
CA LYS A 18 17.01 -10.91 6.22
C LYS A 18 17.04 -10.40 4.79
N GLU A 19 15.95 -9.79 4.34
CA GLU A 19 15.89 -9.30 2.97
C GLU A 19 16.77 -8.11 2.69
N VAL A 20 16.70 -7.11 3.53
CA VAL A 20 17.51 -5.93 3.30
C VAL A 20 18.99 -6.30 3.36
N GLN A 21 19.31 -7.20 4.28
CA GLN A 21 20.66 -7.62 4.51
C GLN A 21 21.31 -8.38 3.37
N LYS A 22 20.54 -9.27 2.76
CA LYS A 22 21.07 -10.07 1.67
C LYS A 22 21.24 -9.27 0.40
N ARG A 23 20.98 -7.96 0.47
CA ARG A 23 21.12 -7.12 -0.73
C ARG A 23 22.25 -6.14 -0.55
N GLY A 24 22.80 -6.09 0.66
CA GLY A 24 23.92 -5.22 0.95
C GLY A 24 23.51 -3.87 1.48
N PHE A 25 22.56 -3.86 2.38
CA PHE A 25 22.08 -2.62 2.94
C PHE A 25 21.87 -2.73 4.45
N LYS A 26 21.72 -1.57 5.10
CA LYS A 26 21.51 -1.50 6.53
C LYS A 26 20.50 -0.40 6.84
N LYS A 27 20.05 0.28 5.78
CA LYS A 27 19.08 1.37 5.91
C LYS A 27 17.91 1.12 4.95
N VAL A 28 16.74 1.61 5.31
CA VAL A 28 15.55 1.46 4.47
C VAL A 28 14.71 2.73 4.49
N VAL A 29 13.94 2.96 3.44
CA VAL A 29 13.11 4.14 3.37
C VAL A 29 11.76 3.70 2.81
N TYR A 30 10.69 4.43 3.15
CA TYR A 30 9.34 4.10 2.67
C TYR A 30 8.49 5.36 2.75
N GLY A 31 7.41 5.38 1.98
CA GLY A 31 6.49 6.50 1.95
C GLY A 31 5.61 6.43 3.17
N LEU A 32 5.25 7.57 3.76
CA LEU A 32 4.43 7.53 4.99
C LEU A 32 3.28 8.52 4.82
N SER A 33 2.26 8.08 4.14
CA SER A 33 1.09 8.90 3.87
C SER A 33 0.25 9.19 5.09
N GLY A 34 0.48 8.45 6.18
CA GLY A 34 -0.30 8.66 7.38
C GLY A 34 -1.54 7.75 7.39
N GLY A 35 -1.42 6.60 6.74
CA GLY A 35 -2.51 5.65 6.67
C GLY A 35 -2.18 4.39 7.43
N LEU A 36 -3.14 3.47 7.50
CA LEU A 36 -2.92 2.23 8.24
C LEU A 36 -1.72 1.46 7.70
N ASP A 37 -1.77 1.14 6.41
CA ASP A 37 -0.70 0.41 5.72
C ASP A 37 0.67 1.02 5.91
N SER A 38 0.83 2.24 5.42
CA SER A 38 2.12 2.93 5.55
C SER A 38 2.63 2.95 7.01
N ALA A 39 1.74 3.11 7.99
CA ALA A 39 2.10 3.19 9.41
C ALA A 39 2.55 1.85 9.95
N VAL A 40 1.88 0.79 9.54
CA VAL A 40 2.24 -0.54 10.00
C VAL A 40 3.67 -0.86 9.61
N VAL A 41 3.97 -0.75 8.32
CA VAL A 41 5.32 -1.02 7.82
C VAL A 41 6.33 -0.20 8.60
N GLY A 42 6.13 1.12 8.66
CA GLY A 42 7.08 1.95 9.38
C GLY A 42 7.46 1.49 10.78
N VAL A 43 6.46 1.08 11.57
CA VAL A 43 6.70 0.63 12.94
C VAL A 43 7.57 -0.61 12.94
N LEU A 44 7.30 -1.53 11.99
CA LEU A 44 8.07 -2.78 11.87
C LEU A 44 9.54 -2.42 11.56
N CYS A 45 9.75 -1.65 10.49
CA CYS A 45 11.08 -1.24 10.09
C CYS A 45 11.81 -0.53 11.25
N GLN A 46 11.08 0.23 12.06
CA GLN A 46 11.67 0.93 13.20
C GLN A 46 12.13 -0.11 14.24
N LYS A 47 11.35 -1.18 14.38
CA LYS A 47 11.68 -2.21 15.35
C LYS A 47 12.98 -2.89 14.98
N VAL A 48 13.28 -2.94 13.69
CA VAL A 48 14.46 -3.61 13.22
C VAL A 48 15.66 -2.72 12.90
N PHE A 49 15.38 -1.56 12.30
CA PHE A 49 16.48 -0.66 11.92
C PHE A 49 16.58 0.61 12.77
N LYS A 50 15.61 0.85 13.64
CA LYS A 50 15.62 2.04 14.49
C LYS A 50 15.79 3.31 13.65
N GLU A 51 16.93 3.99 13.82
CA GLU A 51 17.21 5.21 13.10
C GLU A 51 17.65 4.95 11.67
N ASN A 52 18.01 3.72 11.39
CA ASN A 52 18.43 3.38 10.05
C ASN A 52 17.22 3.29 9.15
N ALA A 53 16.03 3.35 9.74
CA ALA A 53 14.80 3.26 8.95
C ALA A 53 14.30 4.68 8.77
N HIS A 54 14.05 5.08 7.54
CA HIS A 54 13.60 6.45 7.28
C HIS A 54 12.25 6.52 6.56
N ALA A 55 11.42 7.47 6.97
CA ALA A 55 10.12 7.68 6.37
C ALA A 55 10.17 8.96 5.55
N LEU A 56 9.43 8.96 4.42
CA LEU A 56 9.32 10.09 3.51
C LEU A 56 7.86 10.49 3.31
N LEU A 57 7.49 11.68 3.79
CA LEU A 57 6.12 12.20 3.66
C LEU A 57 6.06 13.12 2.46
N MET A 58 5.40 12.65 1.39
CA MET A 58 5.29 13.40 0.14
C MET A 58 3.89 13.88 -0.21
N PRO A 59 3.36 14.80 0.58
CA PRO A 59 2.01 15.31 0.30
C PRO A 59 1.94 16.06 -1.04
N SER A 60 0.80 15.99 -1.73
CA SER A 60 0.66 16.70 -2.99
C SER A 60 -0.20 17.96 -2.83
N SER A 61 -0.64 18.51 -3.96
CA SER A 61 -1.45 19.73 -3.94
C SER A 61 -2.85 19.49 -3.44
N VAL A 62 -3.23 18.22 -3.35
CA VAL A 62 -4.57 17.87 -2.91
C VAL A 62 -4.62 17.06 -1.62
N SER A 63 -3.46 16.66 -1.11
CA SER A 63 -3.43 15.90 0.15
C SER A 63 -4.17 16.62 1.28
N MET A 64 -4.53 15.84 2.30
CA MET A 64 -5.24 16.38 3.45
C MET A 64 -4.25 16.70 4.57
N PRO A 65 -4.13 17.99 4.94
CA PRO A 65 -3.22 18.41 6.00
C PRO A 65 -3.40 17.63 7.30
N GLU A 66 -4.54 16.94 7.43
CA GLU A 66 -4.81 16.17 8.65
C GLU A 66 -4.00 14.87 8.66
N ASN A 67 -3.88 14.24 7.49
CA ASN A 67 -3.13 13.01 7.35
C ASN A 67 -1.65 13.23 7.63
N LYS A 68 -1.12 14.36 7.16
CA LYS A 68 0.29 14.69 7.35
C LYS A 68 0.55 14.80 8.84
N THR A 69 -0.42 15.34 9.57
CA THR A 69 -0.29 15.49 11.00
C THR A 69 -0.25 14.11 11.66
N ASP A 70 -1.15 13.22 11.25
CA ASP A 70 -1.16 11.87 11.81
C ASP A 70 0.21 11.19 11.57
N ALA A 71 0.77 11.40 10.38
CA ALA A 71 2.07 10.81 10.06
C ALA A 71 3.11 11.49 10.95
N LEU A 72 2.93 12.78 11.20
CA LEU A 72 3.87 13.49 12.05
C LEU A 72 3.78 13.00 13.48
N ASN A 73 2.58 12.64 13.92
CA ASN A 73 2.41 12.13 15.29
C ASN A 73 2.99 10.73 15.38
N LEU A 74 2.67 9.91 14.39
CA LEU A 74 3.16 8.54 14.33
C LEU A 74 4.66 8.53 14.54
N CYS A 75 5.39 9.25 13.69
CA CYS A 75 6.85 9.30 13.81
C CYS A 75 7.33 9.66 15.18
N GLU A 76 6.80 10.78 15.68
CA GLU A 76 7.16 11.28 17.00
C GLU A 76 7.00 10.21 18.08
N LYS A 77 5.98 9.36 17.93
CA LYS A 77 5.69 8.31 18.89
C LYS A 77 6.71 7.16 18.88
N PHE A 78 7.18 6.77 17.70
CA PHE A 78 8.16 5.68 17.62
C PHE A 78 9.59 6.15 17.30
N SER A 79 9.81 7.45 17.38
CA SER A 79 11.13 8.02 17.12
C SER A 79 11.60 7.58 15.73
N ILE A 80 10.82 7.95 14.71
CA ILE A 80 11.16 7.63 13.34
C ILE A 80 11.63 8.85 12.59
N PRO A 81 12.91 8.88 12.21
CA PRO A 81 13.47 10.01 11.46
C PRO A 81 12.70 10.18 10.16
N TYR A 82 12.56 11.39 9.66
CA TYR A 82 11.81 11.54 8.40
C TYR A 82 12.18 12.77 7.60
N THR A 83 11.73 12.81 6.36
CA THR A 83 11.98 13.97 5.50
C THR A 83 10.67 14.39 4.86
N GLU A 84 10.36 15.68 4.94
CA GLU A 84 9.15 16.25 4.37
C GLU A 84 9.42 16.89 3.03
N TYR A 85 8.80 16.35 1.97
CA TYR A 85 9.00 16.90 0.64
C TYR A 85 7.69 16.83 -0.15
N SER A 86 7.12 17.99 -0.44
CA SER A 86 5.85 18.08 -1.17
C SER A 86 6.03 17.92 -2.68
N ILE A 87 5.16 17.15 -3.30
CA ILE A 87 5.26 16.96 -4.76
C ILE A 87 4.39 17.96 -5.51
N ALA A 88 3.74 18.81 -4.72
CA ALA A 88 2.82 19.84 -5.23
C ALA A 88 3.30 20.53 -6.49
N PRO A 89 4.43 21.26 -6.45
CA PRO A 89 4.93 21.94 -7.65
C PRO A 89 5.09 21.07 -8.88
N TYR A 90 5.08 19.75 -8.72
CA TYR A 90 5.19 18.85 -9.86
C TYR A 90 3.80 18.57 -10.46
N ASP A 91 2.80 18.34 -9.61
CA ASP A 91 1.48 18.05 -10.12
C ASP A 91 0.87 19.36 -10.62
N ALA A 92 1.47 20.47 -10.21
CA ALA A 92 1.01 21.77 -10.65
C ALA A 92 1.31 21.85 -12.14
N ILE A 93 2.55 21.54 -12.50
CA ILE A 93 2.98 21.56 -13.89
C ILE A 93 2.13 20.60 -14.69
N PHE A 94 1.95 19.40 -14.16
CA PHE A 94 1.15 18.39 -14.83
C PHE A 94 -0.22 18.98 -15.16
N SER A 95 -0.79 19.70 -14.21
CA SER A 95 -2.09 20.30 -14.41
C SER A 95 -2.13 21.37 -15.52
N SER A 96 -1.24 22.36 -15.43
CA SER A 96 -1.18 23.42 -16.42
C SER A 96 -1.17 22.79 -17.82
N HIS A 97 -0.37 21.74 -17.99
CA HIS A 97 -0.28 21.08 -19.28
C HIS A 97 -1.49 20.20 -19.54
N PHE A 98 -2.08 19.65 -18.48
CA PHE A 98 -3.24 18.78 -18.59
C PHE A 98 -4.40 19.26 -17.71
N LYS A 99 -5.25 20.12 -18.26
CA LYS A 99 -6.39 20.64 -17.51
C LYS A 99 -7.59 19.70 -17.60
N ASP A 100 -7.61 18.86 -18.63
CA ASP A 100 -8.69 17.91 -18.81
C ASP A 100 -8.33 16.54 -18.22
N ALA A 101 -7.25 16.51 -17.45
CA ALA A 101 -6.78 15.29 -16.83
C ALA A 101 -7.76 14.77 -15.78
N SER A 102 -8.18 13.51 -15.92
CA SER A 102 -9.13 12.90 -14.99
C SER A 102 -8.53 12.72 -13.61
N LEU A 103 -9.36 12.35 -12.65
CA LEU A 103 -8.91 12.16 -11.28
C LEU A 103 -7.81 11.10 -11.26
N THR A 104 -8.15 9.89 -11.72
CA THR A 104 -7.22 8.78 -11.76
C THR A 104 -5.90 9.13 -12.43
N ARG A 105 -5.96 9.91 -13.52
CA ARG A 105 -4.73 10.29 -14.21
C ARG A 105 -3.80 11.06 -13.29
N LYS A 106 -4.34 12.03 -12.57
CA LYS A 106 -3.59 12.85 -11.63
C LYS A 106 -3.09 12.00 -10.45
N GLY A 107 -3.92 11.03 -10.06
CA GLY A 107 -3.57 10.14 -8.97
C GLY A 107 -2.41 9.23 -9.36
N ASN A 108 -2.42 8.66 -10.57
CA ASN A 108 -1.37 7.77 -11.00
C ASN A 108 -0.03 8.54 -11.08
N PHE A 109 -0.07 9.72 -11.69
CA PHE A 109 1.11 10.56 -11.82
C PHE A 109 1.76 10.88 -10.47
N CYS A 110 0.96 11.34 -9.51
CA CYS A 110 1.50 11.69 -8.20
C CYS A 110 2.15 10.50 -7.49
N ALA A 111 1.54 9.31 -7.61
CA ALA A 111 2.05 8.07 -6.98
C ALA A 111 3.41 7.63 -7.64
N ARG A 112 3.60 7.99 -8.91
CA ARG A 112 4.82 7.69 -9.62
C ARG A 112 5.94 8.69 -9.23
N LEU A 113 5.53 9.88 -8.79
CA LEU A 113 6.45 10.93 -8.31
C LEU A 113 7.03 10.48 -6.96
N ARG A 114 6.14 10.04 -6.07
CA ARG A 114 6.49 9.57 -4.74
C ARG A 114 7.46 8.37 -4.84
N MET A 115 7.37 7.65 -5.95
CA MET A 115 8.20 6.50 -6.23
C MET A 115 9.60 6.98 -6.67
N ALA A 116 9.64 8.04 -7.49
CA ALA A 116 10.87 8.59 -7.99
C ALA A 116 11.75 9.12 -6.84
N PHE A 117 11.10 9.76 -5.88
CA PHE A 117 11.80 10.30 -4.72
C PHE A 117 12.19 9.28 -3.68
N LEU A 118 11.48 8.16 -3.62
CA LEU A 118 11.85 7.12 -2.66
C LEU A 118 13.09 6.48 -3.24
N TYR A 119 13.11 6.28 -4.55
CA TYR A 119 14.28 5.66 -5.14
C TYR A 119 15.48 6.61 -5.29
N ASP A 120 15.22 7.91 -5.45
CA ASP A 120 16.26 8.94 -5.52
C ASP A 120 16.82 9.04 -4.10
N TYR A 121 15.94 8.91 -3.10
CA TYR A 121 16.36 9.01 -1.71
C TYR A 121 17.24 7.80 -1.31
N SER A 122 16.87 6.63 -1.81
CA SER A 122 17.62 5.41 -1.54
C SER A 122 18.98 5.43 -2.23
N LEU A 123 19.07 6.07 -3.38
CA LEU A 123 20.34 6.16 -4.10
C LEU A 123 21.43 6.96 -3.34
N LYS A 124 21.06 8.12 -2.82
CA LYS A 124 21.98 8.99 -2.11
C LYS A 124 22.22 8.72 -0.64
N SER A 125 21.47 7.78 -0.07
CA SER A 125 21.61 7.43 1.34
C SER A 125 21.89 5.96 1.50
N ASP A 126 21.94 5.25 0.38
CA ASP A 126 22.22 3.82 0.39
C ASP A 126 21.17 3.06 1.17
N SER A 127 19.93 3.14 0.69
CA SER A 127 18.82 2.47 1.34
C SER A 127 17.98 1.63 0.38
N LEU A 128 17.15 0.76 0.94
CA LEU A 128 16.26 -0.03 0.10
C LEU A 128 14.83 0.46 0.31
N VAL A 129 14.05 0.49 -0.76
CA VAL A 129 12.65 0.89 -0.69
C VAL A 129 11.80 -0.30 -0.23
N ILE A 130 10.87 -0.05 0.68
CA ILE A 130 10.00 -1.10 1.21
C ILE A 130 8.55 -0.74 0.88
N GLY A 131 7.83 -1.62 0.22
CA GLY A 131 6.45 -1.32 -0.14
C GLY A 131 5.52 -1.48 1.04
N THR A 132 4.29 -0.97 0.88
CA THR A 132 3.26 -1.03 1.91
C THR A 132 1.91 -1.48 1.39
N SER A 133 1.87 -2.02 0.17
CA SER A 133 0.62 -2.49 -0.40
C SER A 133 0.16 -3.84 0.21
N ASN A 134 -1.06 -3.90 0.74
CA ASN A 134 -1.58 -5.12 1.33
C ASN A 134 -2.13 -6.12 0.30
N LYS A 135 -2.21 -7.40 0.68
CA LYS A 135 -2.71 -8.44 -0.22
C LYS A 135 -4.04 -8.12 -0.92
N SER A 136 -5.03 -7.72 -0.13
CA SER A 136 -6.37 -7.35 -0.64
C SER A 136 -6.21 -6.30 -1.76
N GLU A 137 -5.34 -5.33 -1.54
CA GLU A 137 -5.11 -4.30 -2.55
C GLU A 137 -4.45 -4.84 -3.80
N ARG A 138 -3.56 -5.79 -3.61
CA ARG A 138 -2.85 -6.37 -4.75
C ARG A 138 -3.80 -7.21 -5.58
N MET A 139 -4.61 -8.03 -4.90
CA MET A 139 -5.55 -8.89 -5.62
C MET A 139 -6.60 -8.08 -6.37
N LEU A 140 -7.13 -7.05 -5.71
CA LEU A 140 -8.16 -6.18 -6.29
C LEU A 140 -7.64 -5.32 -7.41
N GLY A 141 -6.32 -5.25 -7.54
CA GLY A 141 -5.74 -4.43 -8.59
C GLY A 141 -5.86 -2.94 -8.31
N TYR A 142 -6.12 -2.59 -7.06
CA TYR A 142 -6.27 -1.19 -6.71
C TYR A 142 -4.94 -0.58 -6.26
N GLY A 143 -4.00 -0.47 -7.18
CA GLY A 143 -2.71 0.09 -6.85
C GLY A 143 -2.02 0.55 -8.11
N THR A 144 -1.16 1.56 -7.98
CA THR A 144 -0.47 2.10 -9.13
C THR A 144 0.80 1.34 -9.48
N LEU A 145 0.84 0.80 -10.68
CA LEU A 145 1.99 0.04 -11.16
C LEU A 145 3.14 1.03 -11.31
N PHE A 146 4.31 0.62 -10.83
CA PHE A 146 5.50 1.45 -10.87
C PHE A 146 5.26 2.74 -10.08
N GLY A 147 4.27 2.66 -9.17
CA GLY A 147 3.92 3.78 -8.30
C GLY A 147 4.09 3.36 -6.84
N ASP A 148 2.97 3.08 -6.18
CA ASP A 148 2.99 2.66 -4.80
C ASP A 148 3.25 1.17 -4.66
N LEU A 149 3.31 0.47 -5.80
CA LEU A 149 3.59 -0.98 -5.82
C LEU A 149 5.04 -1.24 -6.19
N ALA A 150 5.75 -0.19 -6.54
CA ALA A 150 7.16 -0.26 -6.90
C ALA A 150 8.03 -0.24 -5.62
N CYS A 151 8.61 -1.37 -5.25
CA CYS A 151 9.44 -1.47 -4.06
C CYS A 151 10.34 -2.66 -4.25
N ALA A 152 11.32 -2.80 -3.36
CA ALA A 152 12.24 -3.92 -3.46
C ALA A 152 11.71 -5.06 -2.58
N ILE A 153 11.15 -4.68 -1.44
CA ILE A 153 10.62 -5.61 -0.47
C ILE A 153 9.32 -5.08 0.12
N ASN A 154 8.40 -5.99 0.42
CA ASN A 154 7.10 -5.64 1.00
C ASN A 154 6.80 -6.69 2.08
N PRO A 155 6.72 -6.27 3.37
CA PRO A 155 6.45 -7.14 4.51
C PRO A 155 5.01 -7.55 4.76
N ILE A 156 4.06 -6.81 4.19
CA ILE A 156 2.65 -7.12 4.40
C ILE A 156 1.84 -7.35 3.13
N GLY A 157 2.51 -7.66 2.03
CA GLY A 157 1.79 -7.91 0.82
C GLY A 157 1.02 -9.22 0.81
N GLU A 158 1.28 -10.13 1.74
CA GLU A 158 0.56 -11.39 1.78
C GLU A 158 -0.37 -11.38 2.98
N LEU A 159 -0.79 -10.17 3.36
CA LEU A 159 -1.70 -10.00 4.49
C LEU A 159 -2.92 -9.23 4.00
N PHE A 160 -4.11 -9.81 4.12
CA PHE A 160 -5.33 -9.11 3.68
C PHE A 160 -5.55 -7.85 4.53
N LYS A 161 -6.22 -6.86 3.96
CA LYS A 161 -6.53 -5.61 4.65
C LYS A 161 -7.06 -5.87 6.07
N THR A 162 -7.86 -6.91 6.22
CA THR A 162 -8.41 -7.25 7.54
C THR A 162 -7.32 -7.71 8.48
N GLU A 163 -6.44 -8.58 8.00
CA GLU A 163 -5.35 -9.06 8.84
C GLU A 163 -4.36 -7.91 9.12
N VAL A 164 -4.36 -6.93 8.22
CA VAL A 164 -3.47 -5.78 8.34
C VAL A 164 -3.94 -4.88 9.49
N TYR A 165 -5.17 -4.42 9.39
CA TYR A 165 -5.72 -3.53 10.40
C TYR A 165 -5.60 -4.11 11.80
N GLU A 166 -5.81 -5.42 11.93
CA GLU A 166 -5.74 -6.05 13.24
C GLU A 166 -4.31 -6.13 13.74
N LEU A 167 -3.37 -6.37 12.82
CA LEU A 167 -1.94 -6.47 13.19
C LEU A 167 -1.49 -5.15 13.79
N ALA A 168 -1.97 -4.08 13.19
CA ALA A 168 -1.61 -2.76 13.64
C ALA A 168 -2.00 -2.57 15.11
N ARG A 169 -3.16 -3.10 15.50
CA ARG A 169 -3.63 -2.96 16.87
C ARG A 169 -2.59 -3.50 17.82
N ARG A 170 -2.09 -4.69 17.53
CA ARG A 170 -1.09 -5.30 18.39
C ARG A 170 0.23 -4.53 18.25
N LEU A 171 0.29 -3.61 17.29
CA LEU A 171 1.47 -2.79 17.10
C LEU A 171 1.32 -1.49 17.85
N ASN A 172 0.13 -1.28 18.41
CA ASN A 172 -0.17 -0.07 19.16
C ASN A 172 -0.12 1.17 18.29
N ILE A 173 -0.76 1.08 17.13
CA ILE A 173 -0.81 2.18 16.19
C ILE A 173 -1.86 3.19 16.67
N PRO A 174 -1.52 4.48 16.65
CA PRO A 174 -2.46 5.52 17.08
C PRO A 174 -3.86 5.21 16.57
N LYS A 175 -4.83 5.21 17.45
CA LYS A 175 -6.21 4.90 17.08
C LYS A 175 -6.76 5.79 15.98
N LYS A 176 -6.17 6.97 15.81
CA LYS A 176 -6.65 7.87 14.77
C LYS A 176 -6.37 7.26 13.40
N ILE A 177 -5.36 6.42 13.32
CA ILE A 177 -5.00 5.75 12.08
C ILE A 177 -5.98 4.61 11.81
N LEU A 178 -6.33 3.88 12.87
CA LEU A 178 -7.24 2.74 12.80
C LEU A 178 -8.64 3.16 12.34
N ASN A 179 -9.34 3.93 13.19
CA ASN A 179 -10.69 4.41 12.90
C ASN A 179 -10.77 5.07 11.52
N LYS A 180 -9.64 5.52 11.01
CA LYS A 180 -9.59 6.17 9.71
C LYS A 180 -10.09 5.25 8.61
N PRO A 181 -11.14 5.68 7.90
CA PRO A 181 -11.72 4.88 6.82
C PRO A 181 -10.79 4.67 5.63
N PRO A 182 -10.75 3.46 5.08
CA PRO A 182 -9.91 3.11 3.93
C PRO A 182 -9.98 4.13 2.80
N SER A 183 -8.81 4.52 2.28
CA SER A 183 -8.72 5.50 1.21
C SER A 183 -7.28 5.64 0.73
N ALA A 184 -7.02 5.20 -0.50
CA ALA A 184 -5.68 5.27 -1.09
C ALA A 184 -5.22 6.72 -1.28
N ASP A 185 -6.14 7.68 -1.14
CA ASP A 185 -5.82 9.11 -1.29
C ASP A 185 -5.20 9.44 -2.65
N LEU A 186 -5.98 10.07 -3.52
CA LEU A 186 -5.52 10.46 -4.86
C LEU A 186 -6.09 11.82 -5.22
N PHE A 187 -7.08 12.26 -4.45
CA PHE A 187 -7.75 13.55 -4.64
C PHE A 187 -8.72 13.82 -3.50
N VAL A 188 -9.87 14.42 -3.81
CA VAL A 188 -10.86 14.75 -2.78
C VAL A 188 -11.93 13.68 -2.56
N GLY A 189 -12.42 13.61 -1.32
CA GLY A 189 -13.47 12.67 -0.94
C GLY A 189 -13.34 11.23 -1.41
N GLN A 190 -12.13 10.80 -1.76
CA GLN A 190 -11.93 9.44 -2.22
C GLN A 190 -11.85 8.48 -1.03
N SER A 191 -12.20 7.23 -1.30
CA SER A 191 -12.22 6.18 -0.31
C SER A 191 -12.38 4.85 -1.04
N ASP A 192 -11.86 3.77 -0.46
CA ASP A 192 -11.95 2.45 -1.07
C ASP A 192 -13.40 1.96 -1.07
N GLU A 193 -14.06 2.09 0.07
CA GLU A 193 -15.45 1.66 0.21
C GLU A 193 -16.39 2.51 -0.63
N LYS A 194 -15.82 3.41 -1.44
CA LYS A 194 -16.62 4.28 -2.29
C LYS A 194 -16.48 3.92 -3.78
N ASP A 195 -15.26 3.68 -4.22
CA ASP A 195 -15.03 3.33 -5.62
C ASP A 195 -15.15 1.82 -5.84
N LEU A 196 -15.19 1.06 -4.75
CA LEU A 196 -15.31 -0.39 -4.82
C LEU A 196 -16.77 -0.73 -4.56
N GLY A 197 -17.38 0.00 -3.62
CA GLY A 197 -18.78 -0.21 -3.31
C GLY A 197 -19.07 -1.08 -2.11
N TYR A 198 -18.05 -1.72 -1.55
CA TYR A 198 -18.26 -2.57 -0.39
C TYR A 198 -17.10 -2.49 0.61
N PRO A 199 -17.36 -2.81 1.89
CA PRO A 199 -16.35 -2.78 2.95
C PRO A 199 -15.47 -4.02 2.90
N TYR A 200 -14.32 -3.95 3.54
CA TYR A 200 -13.37 -5.07 3.54
C TYR A 200 -13.84 -6.30 4.30
N SER A 201 -14.93 -6.16 5.05
CA SER A 201 -15.46 -7.28 5.78
C SER A 201 -16.31 -8.06 4.79
N VAL A 202 -16.53 -7.46 3.63
CA VAL A 202 -17.30 -8.09 2.56
C VAL A 202 -16.34 -8.61 1.49
N ILE A 203 -15.32 -7.80 1.18
CA ILE A 203 -14.36 -8.16 0.15
C ILE A 203 -13.39 -9.28 0.57
N ASP A 204 -12.74 -9.10 1.72
CA ASP A 204 -11.77 -10.05 2.21
C ASP A 204 -12.18 -11.52 2.31
N PRO A 205 -13.29 -11.80 3.00
CA PRO A 205 -13.71 -13.20 3.13
C PRO A 205 -13.74 -13.98 1.81
N LEU A 206 -14.21 -13.34 0.74
CA LEU A 206 -14.28 -13.98 -0.58
C LEU A 206 -12.85 -14.19 -1.17
N LEU A 207 -11.95 -13.26 -0.87
CA LEU A 207 -10.59 -13.37 -1.39
C LEU A 207 -9.90 -14.57 -0.76
N LYS A 208 -10.28 -14.89 0.46
CA LYS A 208 -9.67 -16.00 1.15
C LYS A 208 -10.05 -17.31 0.49
N ASP A 209 -11.26 -17.35 -0.09
CA ASP A 209 -11.73 -18.57 -0.74
C ASP A 209 -11.23 -18.61 -2.17
N ILE A 210 -11.09 -17.43 -2.79
CA ILE A 210 -10.60 -17.35 -4.15
C ILE A 210 -9.16 -17.83 -4.16
N GLU A 211 -8.42 -17.48 -3.12
CA GLU A 211 -7.03 -17.86 -2.99
C GLU A 211 -6.97 -19.11 -2.12
N ALA A 212 -7.78 -20.10 -2.47
CA ALA A 212 -7.83 -21.36 -1.73
C ALA A 212 -8.43 -22.45 -2.62
N LEU A 213 -9.32 -22.04 -3.51
CA LEU A 213 -9.96 -22.96 -4.44
C LEU A 213 -9.35 -22.83 -5.83
N PHE A 214 -9.42 -21.65 -6.40
CA PHE A 214 -8.87 -21.44 -7.74
C PHE A 214 -7.40 -21.01 -7.73
N GLN A 215 -6.57 -21.86 -7.16
CA GLN A 215 -5.12 -21.61 -7.07
C GLN A 215 -4.53 -21.20 -8.41
N THR A 216 -4.69 -22.05 -9.42
CA THR A 216 -4.13 -21.73 -10.72
C THR A 216 -5.17 -21.80 -11.84
N LYS A 217 -6.33 -22.37 -11.53
CA LYS A 217 -7.39 -22.49 -12.55
C LYS A 217 -8.37 -21.31 -12.51
N PRO A 218 -8.93 -20.97 -13.68
CA PRO A 218 -9.88 -19.84 -13.76
C PRO A 218 -10.97 -19.83 -12.70
N ILE A 219 -11.39 -18.63 -12.32
CA ILE A 219 -12.41 -18.45 -11.31
C ILE A 219 -13.76 -18.78 -11.91
N ASP A 220 -14.60 -19.44 -11.11
CA ASP A 220 -15.94 -19.82 -11.53
C ASP A 220 -16.99 -19.22 -10.59
N THR A 221 -17.71 -18.20 -11.09
CA THR A 221 -18.73 -17.52 -10.30
C THR A 221 -19.77 -18.47 -9.73
N GLU A 222 -20.07 -19.54 -10.47
CA GLU A 222 -21.05 -20.52 -10.02
C GLU A 222 -20.60 -21.19 -8.73
N THR A 223 -19.44 -21.84 -8.77
CA THR A 223 -18.93 -22.54 -7.59
C THR A 223 -18.65 -21.61 -6.42
N LEU A 224 -18.83 -20.31 -6.64
CA LEU A 224 -18.58 -19.32 -5.60
C LEU A 224 -19.88 -19.00 -4.85
N ALA A 225 -20.97 -18.88 -5.60
CA ALA A 225 -22.25 -18.58 -4.98
C ALA A 225 -22.63 -19.71 -4.04
N GLN A 226 -22.17 -20.92 -4.34
CA GLN A 226 -22.49 -22.06 -3.50
C GLN A 226 -21.90 -21.91 -2.11
N LEU A 227 -20.71 -21.32 -2.03
CA LEU A 227 -20.08 -21.13 -0.72
C LEU A 227 -20.89 -20.13 0.07
N GLY A 228 -21.58 -19.25 -0.64
CA GLY A 228 -22.39 -18.25 0.01
C GLY A 228 -21.93 -16.83 -0.26
N TYR A 229 -22.02 -16.40 -1.52
CA TYR A 229 -21.62 -15.05 -1.89
C TYR A 229 -22.53 -14.36 -2.90
N ASP A 230 -22.86 -13.11 -2.60
CA ASP A 230 -23.71 -12.30 -3.47
C ASP A 230 -23.24 -12.45 -4.91
N GLU A 231 -24.19 -12.52 -5.84
CA GLU A 231 -23.87 -12.68 -7.26
C GLU A 231 -23.02 -11.52 -7.82
N ILE A 232 -23.54 -10.30 -7.69
CA ILE A 232 -22.83 -9.12 -8.19
C ILE A 232 -21.45 -8.99 -7.56
N LEU A 233 -21.39 -9.19 -6.24
CA LEU A 233 -20.14 -9.09 -5.51
C LEU A 233 -19.13 -10.13 -5.98
N VAL A 234 -19.62 -11.24 -6.52
CA VAL A 234 -18.75 -12.32 -7.01
C VAL A 234 -18.27 -12.04 -8.43
N LYS A 235 -19.17 -11.50 -9.25
CA LYS A 235 -18.85 -11.18 -10.63
C LYS A 235 -18.00 -9.91 -10.72
N ASN A 236 -18.22 -8.98 -9.80
CA ASN A 236 -17.47 -7.73 -9.80
C ASN A 236 -16.00 -7.98 -9.42
N ILE A 237 -15.80 -8.55 -8.24
CA ILE A 237 -14.47 -8.85 -7.76
C ILE A 237 -13.69 -9.67 -8.77
N THR A 238 -14.26 -10.81 -9.18
CA THR A 238 -13.62 -11.70 -10.13
C THR A 238 -13.08 -10.90 -11.30
N SER A 239 -13.92 -10.03 -11.86
CA SER A 239 -13.48 -9.22 -12.99
C SER A 239 -12.26 -8.41 -12.59
N ARG A 240 -12.43 -7.58 -11.57
CA ARG A 240 -11.35 -6.75 -11.05
C ARG A 240 -10.03 -7.50 -11.01
N ILE A 241 -10.05 -8.69 -10.42
CA ILE A 241 -8.89 -9.56 -10.29
C ILE A 241 -8.22 -9.84 -11.65
N GLN A 242 -8.94 -10.55 -12.51
CA GLN A 242 -8.43 -10.90 -13.82
C GLN A 242 -8.07 -9.67 -14.62
N LYS A 243 -8.68 -8.54 -14.29
CA LYS A 243 -8.39 -7.31 -15.05
C LYS A 243 -7.08 -6.64 -14.64
N ASN A 244 -6.51 -7.05 -13.51
CA ASN A 244 -5.28 -6.45 -12.98
C ASN A 244 -4.18 -7.46 -12.62
N ALA A 245 -4.43 -8.72 -12.93
CA ALA A 245 -3.47 -9.76 -12.64
C ALA A 245 -2.11 -9.48 -13.29
N PHE A 246 -2.09 -8.55 -14.24
CA PHE A 246 -0.87 -8.17 -14.95
C PHE A 246 0.06 -7.25 -14.12
N LYS A 247 -0.50 -6.63 -13.08
CA LYS A 247 0.28 -5.73 -12.25
C LYS A 247 1.31 -6.44 -11.37
N LEU A 248 1.01 -7.66 -10.96
CA LEU A 248 1.88 -8.43 -10.09
C LEU A 248 2.66 -9.48 -10.87
N GLU A 249 2.76 -9.29 -12.18
CA GLU A 249 3.50 -10.21 -13.03
C GLU A 249 4.60 -9.45 -13.74
N LEU A 250 5.72 -10.13 -13.97
CA LEU A 250 6.84 -9.49 -14.66
C LEU A 250 6.39 -9.17 -16.07
N PRO A 251 7.05 -8.18 -16.71
CA PRO A 251 6.70 -7.79 -18.08
C PRO A 251 6.86 -8.95 -19.05
N ALA A 252 6.10 -8.91 -20.13
CA ALA A 252 6.17 -9.96 -21.16
C ALA A 252 7.36 -9.72 -22.08
N ILE A 253 8.24 -10.71 -22.18
CA ILE A 253 9.44 -10.59 -23.00
C ILE A 253 9.58 -11.83 -23.88
N ALA A 254 9.72 -11.60 -25.17
CA ALA A 254 9.84 -12.71 -26.10
C ALA A 254 11.15 -13.47 -25.78
N LYS A 255 11.03 -14.78 -25.56
CA LYS A 255 12.17 -15.62 -25.25
C LYS A 255 13.23 -15.51 -26.35
#